data_4OAN
#
_entry.id   4OAN
#
_cell.length_a   55.064
_cell.length_b   59.609
_cell.length_c   61.005
_cell.angle_alpha   62.620
_cell.angle_beta   71.240
_cell.angle_gamma   67.180
#
_symmetry.space_group_name_H-M   'P 1'
#
loop_
_entity.id
_entity.type
_entity.pdbx_description
1 polymer 'TRAP dicarboxylate transporter DctP subunit'
2 non-polymer 'CHLORIDE ION'
3 non-polymer '(2S)-2-hydroxy-2-methyl-3-oxobutanoic acid'
4 non-polymer GLYCEROL
5 water water
#
_entity_poly.entity_id   1
_entity_poly.type   'polypeptide(L)'
_entity_poly.pdbx_seq_one_letter_code
;(MSE)HHHHHHSSGVDLGTENLYFQS(MSE)AEAEFVYKYANNLPDTHP(MSE)NIRARE(MSE)AAAIKAETNGRVQID
IFPSNQLGSDTD(MSE)LSQIRSGGVEFFTLSGLILSTLVPAASINGIGFAFPDYDTVWKA(MSE)DGELGGYVRGEIGK
AGLVV(MSE)DKIWDNGFRQTTTSTRPITGPDDFKGLKIRVPVSPLWTS(MSE)FKAFDASPASINFSEVYSALQTKVVE
GQENPLAIISTAKLYEVQKYCSLTNH(MSE)WDGFWFLANRRAWERLPADLRDIVARNINAAGVNQRADVAKLNAGLKDE
LATKGLTFNQPTIGPFRDKLRAAGFYAEWKGKYGEQAWSLLEKSVGKLA
;
_entity_poly.pdbx_strand_id   A,B
#
# COMPACT_ATOMS: atom_id res chain seq x y z
N SER A 22 28.63 -27.06 -25.69
CA SER A 22 27.57 -26.13 -25.35
C SER A 22 26.85 -25.67 -26.62
N ALA A 24 25.82 -23.06 -29.29
CA ALA A 24 26.42 -21.84 -29.81
C ALA A 24 25.55 -20.65 -29.45
N GLU A 25 26.19 -19.51 -29.16
CA GLU A 25 25.42 -18.31 -28.92
C GLU A 25 24.67 -17.98 -30.21
N ALA A 26 23.52 -17.35 -30.05
CA ALA A 26 22.77 -16.85 -31.20
C ALA A 26 23.69 -15.90 -31.97
N GLU A 27 23.47 -15.78 -33.27
CA GLU A 27 24.31 -14.91 -34.07
C GLU A 27 24.27 -13.47 -33.58
N PHE A 28 23.10 -13.03 -33.13
CA PHE A 28 22.93 -11.70 -32.60
C PHE A 28 22.36 -11.81 -31.20
N VAL A 29 23.17 -11.49 -30.20
CA VAL A 29 22.70 -11.42 -28.82
C VAL A 29 22.71 -9.96 -28.43
N TYR A 30 21.52 -9.38 -28.44
CA TYR A 30 21.35 -7.95 -28.24
C TYR A 30 20.74 -7.66 -26.87
N LYS A 31 21.21 -6.58 -26.25
CA LYS A 31 20.78 -6.23 -24.92
C LYS A 31 19.72 -5.14 -24.96
N TYR A 32 18.63 -5.35 -24.22
CA TYR A 32 17.58 -4.34 -24.04
C TYR A 32 17.54 -3.96 -22.57
N ALA A 33 17.90 -2.71 -22.30
CA ALA A 33 17.91 -2.15 -20.94
C ALA A 33 16.68 -1.31 -20.70
N ASN A 34 16.16 -1.33 -19.47
CA ASN A 34 15.11 -0.43 -19.11
C ASN A 34 15.17 -0.11 -17.63
N ASN A 35 14.30 0.80 -17.19
CA ASN A 35 14.36 1.31 -15.83
C ASN A 35 13.22 0.86 -14.95
N LEU A 36 12.38 -0.05 -15.40
CA LEU A 36 11.16 -0.37 -14.68
C LEU A 36 11.20 -1.74 -14.03
N PRO A 37 10.35 -1.94 -13.00
CA PRO A 37 10.26 -3.26 -12.37
C PRO A 37 9.88 -4.36 -13.34
N ASP A 38 10.34 -5.57 -13.05
CA ASP A 38 10.08 -6.71 -13.92
C ASP A 38 8.61 -7.13 -13.94
N THR A 39 7.81 -6.55 -13.02
CA THR A 39 6.36 -6.78 -12.95
C THR A 39 5.53 -5.78 -13.75
N HIS A 40 6.16 -4.73 -14.25
CA HIS A 40 5.44 -3.74 -15.06
C HIS A 40 5.16 -4.31 -16.45
N PRO A 41 4.04 -3.92 -17.09
CA PRO A 41 3.76 -4.40 -18.44
C PRO A 41 4.91 -4.24 -19.46
N ASN A 43 7.95 -4.90 -19.04
CA ASN A 43 8.79 -6.10 -18.93
C ASN A 43 8.06 -7.40 -19.21
N ILE A 44 6.80 -7.47 -18.83
CA ILE A 44 5.98 -8.62 -19.19
C ILE A 44 5.94 -8.76 -20.72
N ARG A 45 5.65 -7.67 -21.40
CA ARG A 45 5.56 -7.69 -22.84
C ARG A 45 6.93 -7.84 -23.49
N ALA A 46 7.96 -7.24 -22.92
CA ALA A 46 9.31 -7.41 -23.48
C ALA A 46 9.75 -8.88 -23.45
N ARG A 47 9.38 -9.60 -22.40
CA ARG A 47 9.72 -11.01 -22.34
C ARG A 47 8.99 -11.80 -23.43
N GLU A 48 7.71 -11.48 -23.66
CA GLU A 48 6.95 -12.14 -24.74
C GLU A 48 7.57 -11.83 -26.10
N ALA A 50 10.73 -10.95 -26.74
CA ALA A 50 12.02 -11.61 -26.90
C ALA A 50 11.81 -13.06 -27.32
N ALA A 51 10.87 -13.74 -26.68
CA ALA A 51 10.57 -15.13 -27.01
C ALA A 51 10.09 -15.23 -28.46
N ALA A 52 9.19 -14.35 -28.86
CA ALA A 52 8.64 -14.38 -30.21
C ALA A 52 9.73 -14.16 -31.26
N ILE A 53 10.59 -13.19 -30.99
CA ILE A 53 11.68 -12.87 -31.89
C ILE A 53 12.64 -14.04 -32.03
N LYS A 54 13.02 -14.66 -30.92
CA LYS A 54 13.97 -15.77 -31.01
C LYS A 54 13.38 -16.91 -31.85
N ALA A 55 12.12 -17.24 -31.63
CA ALA A 55 11.47 -18.27 -32.43
C ALA A 55 11.38 -17.90 -33.91
N GLU A 56 10.91 -16.69 -34.19
CA GLU A 56 10.63 -16.29 -35.56
C GLU A 56 11.90 -16.10 -36.40
N THR A 57 13.00 -15.76 -35.75
CA THR A 57 14.29 -15.67 -36.43
C THR A 57 15.07 -16.99 -36.39
N ASN A 58 14.39 -18.07 -36.04
CA ASN A 58 15.03 -19.39 -35.96
C ASN A 58 16.33 -19.37 -35.16
N GLY A 59 16.29 -18.66 -34.03
CA GLY A 59 17.40 -18.63 -33.09
C GLY A 59 18.50 -17.64 -33.40
N ARG A 60 18.34 -16.87 -34.47
CA ARG A 60 19.39 -15.98 -34.91
C ARG A 60 19.46 -14.69 -34.10
N VAL A 61 18.32 -14.24 -33.58
CA VAL A 61 18.28 -13.05 -32.73
C VAL A 61 17.76 -13.38 -31.34
N GLN A 62 18.58 -13.09 -30.35
CA GLN A 62 18.24 -13.25 -28.93
C GLN A 62 18.33 -11.88 -28.29
N ILE A 63 17.24 -11.47 -27.66
CA ILE A 63 17.23 -10.22 -26.93
C ILE A 63 17.26 -10.52 -25.45
N ASP A 64 18.39 -10.17 -24.83
CA ASP A 64 18.56 -10.30 -23.39
C ASP A 64 18.03 -9.04 -22.73
N ILE A 65 17.18 -9.20 -21.74
CA ILE A 65 16.51 -8.07 -21.10
C ILE A 65 17.13 -7.78 -19.75
N PHE A 66 17.37 -6.50 -19.49
CA PHE A 66 17.98 -6.02 -18.25
C PHE A 66 17.05 -4.98 -17.63
N PRO A 67 16.09 -5.44 -16.85
CA PRO A 67 15.08 -4.55 -16.31
C PRO A 67 15.59 -3.75 -15.12
N SER A 68 14.79 -2.79 -14.70
CA SER A 68 14.99 -2.09 -13.43
C SER A 68 16.42 -1.64 -13.20
N ASN A 69 17.01 -1.02 -14.22
CA ASN A 69 18.31 -0.35 -14.08
C ASN A 69 19.43 -1.31 -13.75
N GLN A 70 19.30 -2.57 -14.11
CA GLN A 70 20.36 -3.55 -13.84
C GLN A 70 21.70 -3.17 -14.42
N LEU A 71 21.72 -2.62 -15.63
CA LEU A 71 22.98 -2.28 -16.29
C LEU A 71 23.44 -0.87 -15.98
N GLY A 72 22.57 -0.09 -15.35
CA GLY A 72 22.85 1.29 -15.02
C GLY A 72 21.57 2.11 -15.04
N SER A 73 21.71 3.38 -14.68
N SER A 73 21.69 3.39 -14.71
CA SER A 73 20.62 4.34 -14.59
CA SER A 73 20.52 4.24 -14.67
C SER A 73 20.30 4.97 -15.93
C SER A 73 20.35 5.06 -15.92
N ASP A 74 19.27 5.81 -15.97
CA ASP A 74 18.80 6.39 -17.23
C ASP A 74 19.81 7.28 -17.91
N THR A 75 20.51 8.11 -17.15
CA THR A 75 21.52 8.98 -17.78
C THR A 75 22.67 8.14 -18.34
N ASP A 76 23.08 7.10 -17.61
CA ASP A 76 24.11 6.15 -18.07
C ASP A 76 23.66 5.48 -19.36
N LEU A 78 21.42 6.36 -21.54
CA LEU A 78 21.38 7.26 -22.67
C LEU A 78 22.78 7.29 -23.34
N SER A 79 23.82 7.38 -22.53
CA SER A 79 25.18 7.37 -23.08
C SER A 79 25.45 6.05 -23.79
N GLN A 80 24.99 4.95 -23.18
CA GLN A 80 25.30 3.64 -23.74
C GLN A 80 24.53 3.33 -25.04
N ILE A 81 23.32 3.81 -25.18
CA ILE A 81 22.58 3.54 -26.43
C ILE A 81 23.26 4.30 -27.58
N ARG A 82 23.84 5.47 -27.27
CA ARG A 82 24.57 6.28 -28.24
C ARG A 82 25.85 5.58 -28.66
N SER A 83 26.58 5.02 -27.70
CA SER A 83 27.91 4.48 -27.98
C SER A 83 27.90 3.03 -28.40
N GLY A 84 26.76 2.34 -28.24
CA GLY A 84 26.69 0.94 -28.56
C GLY A 84 26.96 0.00 -27.39
N GLY A 85 27.06 0.54 -26.18
CA GLY A 85 27.15 -0.30 -24.99
C GLY A 85 25.93 -1.17 -24.78
N VAL A 86 24.79 -0.68 -25.25
N VAL A 86 24.76 -0.67 -25.15
CA VAL A 86 23.55 -1.43 -25.25
CA VAL A 86 23.60 -1.54 -25.29
C VAL A 86 22.86 -1.22 -26.60
C VAL A 86 23.02 -1.32 -26.67
N GLU A 87 22.16 -2.25 -27.09
CA GLU A 87 21.58 -2.21 -28.43
C GLU A 87 20.16 -1.61 -28.47
N PHE A 88 19.40 -1.80 -27.38
CA PHE A 88 18.03 -1.29 -27.25
C PHE A 88 17.84 -0.64 -25.89
N PHE A 89 17.08 0.43 -25.84
CA PHE A 89 16.80 1.12 -24.58
C PHE A 89 15.51 1.89 -24.72
N THR A 90 14.59 1.75 -23.77
CA THR A 90 13.38 2.56 -23.74
C THR A 90 13.65 3.83 -22.93
N LEU A 91 13.25 4.97 -23.47
CA LEU A 91 13.57 6.26 -22.86
C LEU A 91 12.53 7.32 -23.18
N SER A 92 12.08 8.02 -22.14
CA SER A 92 11.25 9.22 -22.31
C SER A 92 11.91 10.21 -23.23
N GLY A 93 11.16 10.76 -24.17
CA GLY A 93 11.63 11.86 -24.97
C GLY A 93 12.11 13.06 -24.17
N LEU A 94 11.55 13.26 -22.98
CA LEU A 94 11.96 14.38 -22.14
C LEU A 94 13.38 14.20 -21.62
N ILE A 95 13.77 12.97 -21.28
CA ILE A 95 15.14 12.70 -20.86
C ILE A 95 16.05 12.74 -22.07
N LEU A 96 15.59 12.18 -23.18
CA LEU A 96 16.33 12.20 -24.44
C LEU A 96 16.62 13.60 -24.96
N SER A 97 15.84 14.57 -24.51
CA SER A 97 15.84 15.90 -25.12
C SER A 97 17.12 16.71 -24.93
N THR A 98 18.02 16.28 -24.05
CA THR A 98 19.31 16.95 -23.99
C THR A 98 20.14 16.63 -25.24
N LEU A 99 19.88 15.46 -25.84
CA LEU A 99 20.48 15.09 -27.11
C LEU A 99 19.61 15.51 -28.31
N VAL A 100 18.30 15.31 -28.19
CA VAL A 100 17.33 15.59 -29.26
C VAL A 100 16.32 16.63 -28.73
N PRO A 101 16.59 17.92 -28.93
CA PRO A 101 15.80 18.93 -28.22
C PRO A 101 14.29 18.85 -28.46
N ALA A 102 13.87 18.47 -29.65
CA ALA A 102 12.46 18.40 -29.97
C ALA A 102 11.72 17.33 -29.18
N ALA A 103 12.45 16.36 -28.65
CA ALA A 103 11.78 15.17 -28.15
C ALA A 103 11.04 15.39 -26.83
N SER A 104 11.20 16.52 -26.17
CA SER A 104 10.43 16.79 -24.95
C SER A 104 9.03 17.34 -25.23
N ILE A 105 8.71 17.57 -26.50
CA ILE A 105 7.49 18.31 -26.85
C ILE A 105 6.20 17.67 -26.34
N ASN A 106 6.14 16.34 -26.20
CA ASN A 106 4.90 15.73 -25.72
C ASN A 106 4.62 16.02 -24.27
N GLY A 107 5.59 16.55 -23.52
CA GLY A 107 5.41 16.73 -22.10
C GLY A 107 4.88 18.08 -21.66
N ILE A 108 4.48 18.92 -22.61
CA ILE A 108 3.94 20.23 -22.28
C ILE A 108 2.75 20.08 -21.32
N GLY A 109 2.75 20.90 -20.27
CA GLY A 109 1.80 20.73 -19.18
C GLY A 109 0.37 20.85 -19.63
N PHE A 110 -0.44 19.86 -19.26
CA PHE A 110 -1.90 19.88 -19.49
C PHE A 110 -2.28 19.93 -20.96
N ALA A 111 -1.37 19.51 -21.84
CA ALA A 111 -1.57 19.70 -23.28
C ALA A 111 -2.63 18.75 -23.86
N PHE A 112 -2.53 17.47 -23.52
CA PHE A 112 -3.39 16.44 -24.10
C PHE A 112 -4.60 16.16 -23.21
N PRO A 113 -5.81 16.26 -23.76
CA PRO A 113 -6.95 16.04 -22.86
C PRO A 113 -7.29 14.59 -22.59
N ASP A 114 -6.82 13.69 -23.46
CA ASP A 114 -7.17 12.27 -23.37
C ASP A 114 -6.18 11.44 -24.16
N TYR A 115 -6.25 10.14 -23.97
CA TYR A 115 -5.45 9.23 -24.75
C TYR A 115 -5.77 9.28 -26.24
N ASP A 116 -7.02 9.63 -26.56
CA ASP A 116 -7.43 9.70 -27.96
C ASP A 116 -6.48 10.61 -28.75
N THR A 117 -6.26 11.82 -28.22
CA THR A 117 -5.41 12.78 -28.90
C THR A 117 -3.94 12.35 -28.81
N VAL A 118 -3.53 11.77 -27.68
CA VAL A 118 -2.16 11.26 -27.53
C VAL A 118 -1.76 10.32 -28.66
N TRP A 119 -2.52 9.25 -28.88
CA TRP A 119 -2.05 8.25 -29.84
C TRP A 119 -2.17 8.76 -31.26
N LYS A 120 -3.20 9.55 -31.55
CA LYS A 120 -3.31 10.08 -32.91
C LYS A 120 -2.12 10.97 -33.22
N ALA A 121 -1.64 11.69 -32.22
CA ALA A 121 -0.49 12.58 -32.39
C ALA A 121 0.82 11.79 -32.47
N ASP A 123 1.41 8.54 -32.99
CA ASP A 123 1.43 7.65 -34.16
C ASP A 123 1.20 8.39 -35.47
N GLY A 124 1.02 9.70 -35.39
CA GLY A 124 0.79 10.53 -36.55
C GLY A 124 1.88 11.57 -36.72
N GLU A 125 1.49 12.79 -37.07
CA GLU A 125 2.46 13.78 -37.55
C GLU A 125 3.40 14.26 -36.46
N LEU A 126 2.91 14.49 -35.25
CA LEU A 126 3.81 14.96 -34.18
C LEU A 126 4.88 13.92 -33.88
N GLY A 127 4.46 12.67 -33.75
CA GLY A 127 5.41 11.59 -33.50
C GLY A 127 6.36 11.42 -34.67
N GLY A 128 5.86 11.63 -35.88
CA GLY A 128 6.72 11.53 -37.04
C GLY A 128 7.81 12.59 -37.01
N TYR A 129 7.42 13.78 -36.59
CA TYR A 129 8.37 14.87 -36.46
C TYR A 129 9.45 14.51 -35.42
N VAL A 130 9.04 14.07 -34.24
CA VAL A 130 10.00 13.69 -33.22
C VAL A 130 10.91 12.55 -33.66
N ARG A 131 10.34 11.51 -34.28
N ARG A 131 10.35 11.52 -34.28
CA ARG A 131 11.15 10.40 -34.74
CA ARG A 131 11.18 10.40 -34.73
C ARG A 131 12.20 10.87 -35.74
C ARG A 131 12.19 10.84 -35.77
N GLY A 132 11.81 11.78 -36.62
CA GLY A 132 12.75 12.34 -37.59
C GLY A 132 13.90 13.06 -36.90
N GLU A 133 13.59 13.77 -35.83
CA GLU A 133 14.60 14.50 -35.05
C GLU A 133 15.52 13.51 -34.35
N ILE A 134 14.95 12.43 -33.83
CA ILE A 134 15.76 11.38 -33.20
C ILE A 134 16.75 10.78 -34.23
N GLY A 135 16.28 10.51 -35.44
CA GLY A 135 17.14 10.03 -36.52
C GLY A 135 18.26 11.00 -36.83
N LYS A 136 17.99 12.30 -36.82
CA LYS A 136 19.02 13.30 -37.10
C LYS A 136 20.17 13.22 -36.09
N ALA A 137 19.85 12.82 -34.87
CA ALA A 137 20.83 12.69 -33.80
C ALA A 137 21.58 11.37 -33.86
N GLY A 138 21.27 10.54 -34.84
CA GLY A 138 22.06 9.35 -35.07
C GLY A 138 21.52 8.07 -34.46
N LEU A 139 20.34 8.11 -33.86
CA LEU A 139 19.71 6.93 -33.25
C LEU A 139 18.65 6.38 -34.18
N VAL A 140 18.28 5.13 -33.94
CA VAL A 140 17.09 4.52 -34.55
C VAL A 140 16.00 4.48 -33.49
N VAL A 141 14.75 4.61 -33.92
CA VAL A 141 13.64 4.58 -32.99
C VAL A 141 12.48 3.84 -33.65
N ASP A 143 8.60 2.76 -34.54
CA ASP A 143 7.46 3.60 -34.92
C ASP A 143 6.58 3.94 -33.72
N LYS A 144 6.29 2.95 -32.88
CA LYS A 144 5.34 3.15 -31.79
C LYS A 144 5.98 3.45 -30.45
N ILE A 145 5.65 4.60 -29.90
CA ILE A 145 6.11 4.93 -28.55
C ILE A 145 5.34 4.03 -27.56
N TRP A 146 6.01 3.54 -26.53
CA TRP A 146 5.36 2.74 -25.51
C TRP A 146 4.75 3.69 -24.47
N ASP A 147 3.75 3.24 -23.73
CA ASP A 147 3.13 4.12 -22.76
C ASP A 147 3.87 4.14 -21.44
N ASN A 148 3.74 5.25 -20.74
CA ASN A 148 4.03 5.32 -19.30
C ASN A 148 2.76 5.84 -18.65
N GLY A 149 2.35 7.04 -19.01
CA GLY A 149 1.02 7.51 -18.72
C GLY A 149 0.92 8.97 -18.33
N PHE A 150 -0.30 9.39 -18.02
CA PHE A 150 -0.54 10.68 -17.42
C PHE A 150 -0.01 10.63 -15.99
N ARG A 151 0.68 11.70 -15.59
CA ARG A 151 1.45 11.72 -14.35
C ARG A 151 0.72 12.44 -13.22
N GLN A 152 0.80 11.85 -12.04
CA GLN A 152 0.21 12.37 -10.81
C GLN A 152 1.35 12.72 -9.85
N THR A 153 1.01 13.33 -8.74
CA THR A 153 2.00 13.74 -7.76
C THR A 153 1.84 12.93 -6.49
N THR A 154 2.96 12.58 -5.84
CA THR A 154 2.90 12.04 -4.49
C THR A 154 3.80 12.87 -3.57
N THR A 155 3.44 12.92 -2.29
CA THR A 155 4.30 13.52 -1.29
C THR A 155 4.26 12.77 0.04
N SER A 156 5.22 13.09 0.91
CA SER A 156 5.21 12.63 2.29
C SER A 156 4.94 13.76 3.26
N THR A 157 4.54 14.93 2.76
CA THR A 157 4.37 16.12 3.57
C THR A 157 2.89 16.48 3.68
N ARG A 158 2.31 16.96 2.59
CA ARG A 158 0.88 17.24 2.56
C ARG A 158 0.36 17.06 1.15
N PRO A 159 -0.97 16.96 1.01
CA PRO A 159 -1.54 16.88 -0.33
C PRO A 159 -1.36 18.16 -1.13
N ILE A 160 -1.33 18.01 -2.44
CA ILE A 160 -1.37 19.14 -3.35
C ILE A 160 -2.81 19.41 -3.78
N THR A 161 -3.40 20.48 -3.26
CA THR A 161 -4.78 20.81 -3.55
C THR A 161 -4.88 21.95 -4.56
N GLY A 162 -3.80 22.67 -4.71
CA GLY A 162 -3.74 23.77 -5.67
C GLY A 162 -2.28 24.14 -5.87
N PRO A 163 -2.02 25.02 -6.84
CA PRO A 163 -0.61 25.33 -7.16
C PRO A 163 0.15 25.98 -6.00
N ASP A 164 -0.51 26.64 -5.06
CA ASP A 164 0.22 27.20 -3.93
C ASP A 164 0.93 26.12 -3.12
N ASP A 165 0.39 24.91 -3.13
CA ASP A 165 0.97 23.82 -2.34
C ASP A 165 2.28 23.33 -2.91
N PHE A 166 2.56 23.68 -4.17
CA PHE A 166 3.84 23.36 -4.77
C PHE A 166 4.97 24.30 -4.32
N LYS A 167 4.65 25.46 -3.76
CA LYS A 167 5.68 26.41 -3.35
C LYS A 167 6.65 25.79 -2.35
N GLY A 168 7.92 25.76 -2.72
CA GLY A 168 8.96 25.24 -1.87
C GLY A 168 9.03 23.72 -1.80
N LEU A 169 8.14 23.01 -2.48
CA LEU A 169 8.15 21.55 -2.41
C LEU A 169 9.44 21.01 -3.00
N LYS A 170 10.15 20.19 -2.22
CA LYS A 170 11.38 19.55 -2.66
C LYS A 170 10.97 18.30 -3.44
N ILE A 171 10.67 18.49 -4.71
CA ILE A 171 10.12 17.41 -5.51
C ILE A 171 11.18 16.79 -6.41
N ARG A 172 11.29 15.46 -6.40
CA ARG A 172 12.13 14.79 -7.36
C ARG A 172 11.50 14.88 -8.75
N VAL A 173 12.33 15.08 -9.77
CA VAL A 173 11.95 14.92 -11.16
C VAL A 173 13.04 14.13 -11.88
N PRO A 174 12.69 13.49 -13.00
CA PRO A 174 13.72 12.89 -13.85
C PRO A 174 14.60 13.98 -14.40
N VAL A 175 15.75 13.58 -14.92
CA VAL A 175 16.73 14.51 -15.48
C VAL A 175 16.27 14.99 -16.86
N SER A 176 15.85 16.24 -16.94
CA SER A 176 15.33 16.83 -18.16
C SER A 176 15.10 18.33 -18.01
N PRO A 177 15.41 19.12 -19.04
CA PRO A 177 15.09 20.56 -18.93
C PRO A 177 13.60 20.85 -18.82
N LEU A 178 12.77 19.98 -19.38
CA LEU A 178 11.33 20.24 -19.40
C LEU A 178 10.75 20.04 -18.00
N TRP A 179 11.08 18.95 -17.34
CA TRP A 179 10.60 18.73 -15.97
C TRP A 179 11.10 19.84 -15.04
N THR A 180 12.36 20.24 -15.19
CA THR A 180 12.91 21.29 -14.34
C THR A 180 12.15 22.58 -14.54
N SER A 181 11.93 22.95 -15.80
CA SER A 181 11.22 24.17 -16.14
C SER A 181 9.81 24.18 -15.57
N PHE A 183 8.48 22.44 -13.03
CA PHE A 183 8.35 22.50 -11.58
C PHE A 183 8.93 23.77 -10.97
N LYS A 184 9.90 24.41 -11.63
CA LYS A 184 10.27 25.76 -11.24
C LYS A 184 9.12 26.74 -11.51
N ALA A 185 8.35 26.52 -12.59
CA ALA A 185 7.24 27.40 -12.90
C ALA A 185 6.16 27.28 -11.83
N PHE A 186 6.04 26.10 -11.22
CA PHE A 186 5.16 25.90 -10.08
C PHE A 186 5.72 26.42 -8.74
N ASP A 187 6.92 27.03 -8.78
CA ASP A 187 7.63 27.54 -7.58
C ASP A 187 8.10 26.43 -6.65
N ALA A 188 8.18 25.20 -7.16
CA ALA A 188 8.78 24.12 -6.42
C ALA A 188 10.30 24.17 -6.52
N SER A 189 10.96 23.26 -5.80
CA SER A 189 12.41 23.14 -5.80
C SER A 189 12.75 21.76 -6.33
N PRO A 190 12.79 21.62 -7.66
CA PRO A 190 13.00 20.29 -8.22
C PRO A 190 14.42 19.77 -8.00
N ALA A 191 14.54 18.49 -7.73
CA ALA A 191 15.82 17.79 -7.68
C ALA A 191 15.84 16.74 -8.76
N SER A 192 16.85 16.78 -9.62
CA SER A 192 16.96 15.88 -10.77
C SER A 192 17.65 14.61 -10.37
N ILE A 193 16.90 13.52 -10.31
CA ILE A 193 17.38 12.23 -9.80
C ILE A 193 16.88 11.10 -10.68
N ASN A 194 17.78 10.23 -11.12
CA ASN A 194 17.37 9.06 -11.89
C ASN A 194 16.40 8.14 -11.13
N PHE A 195 15.53 7.46 -11.87
CA PHE A 195 14.50 6.66 -11.25
C PHE A 195 15.08 5.61 -10.31
N SER A 196 16.27 5.11 -10.62
CA SER A 196 16.91 4.09 -9.78
C SER A 196 17.07 4.53 -8.32
N GLU A 197 17.20 5.83 -8.07
CA GLU A 197 17.38 6.32 -6.69
C GLU A 197 16.09 6.81 -6.03
N VAL A 198 14.97 6.77 -6.76
CA VAL A 198 13.76 7.40 -6.26
C VAL A 198 13.17 6.79 -4.99
N TYR A 199 13.03 5.48 -4.94
CA TYR A 199 12.44 4.88 -3.73
C TYR A 199 13.22 5.29 -2.48
N SER A 200 14.53 5.15 -2.55
N SER A 200 14.53 5.15 -2.54
CA SER A 200 15.40 5.47 -1.43
CA SER A 200 15.36 5.48 -1.39
C SER A 200 15.36 6.96 -1.08
C SER A 200 15.35 6.97 -1.06
N ALA A 201 15.35 7.81 -2.09
CA ALA A 201 15.32 9.26 -1.88
C ALA A 201 14.01 9.68 -1.19
N LEU A 202 12.91 9.03 -1.54
CA LEU A 202 11.64 9.32 -0.88
C LEU A 202 11.62 8.78 0.53
N GLN A 203 12.11 7.56 0.69
CA GLN A 203 12.09 6.89 2.00
C GLN A 203 12.85 7.69 3.03
N THR A 204 14.00 8.22 2.65
CA THR A 204 14.88 8.94 3.58
C THR A 204 14.61 10.43 3.64
N LYS A 205 13.67 10.90 2.82
CA LYS A 205 13.27 12.31 2.77
C LYS A 205 14.39 13.24 2.26
N VAL A 206 15.24 12.71 1.38
CA VAL A 206 16.09 13.57 0.57
C VAL A 206 15.21 14.50 -0.24
N VAL A 207 14.09 13.95 -0.72
CA VAL A 207 13.04 14.75 -1.35
C VAL A 207 11.70 14.52 -0.62
N GLU A 208 10.77 15.44 -0.82
CA GLU A 208 9.45 15.40 -0.18
C GLU A 208 8.39 14.72 -1.05
N GLY A 209 8.69 14.51 -2.32
CA GLY A 209 7.70 13.94 -3.22
C GLY A 209 8.29 13.69 -4.58
N GLN A 210 7.44 13.22 -5.49
CA GLN A 210 7.81 12.90 -6.86
C GLN A 210 6.52 12.91 -7.69
N GLU A 211 6.65 12.58 -8.97
CA GLU A 211 5.48 12.54 -9.83
C GLU A 211 5.67 11.43 -10.87
N ASN A 212 4.58 10.74 -11.19
CA ASN A 212 4.64 9.55 -12.03
C ASN A 212 3.22 9.05 -12.25
N PRO A 213 3.01 8.22 -13.26
CA PRO A 213 1.70 7.57 -13.42
C PRO A 213 1.43 6.61 -12.27
N LEU A 214 0.16 6.31 -12.07
CA LEU A 214 -0.22 5.35 -11.04
C LEU A 214 0.47 3.99 -11.24
N ALA A 215 0.67 3.56 -12.48
CA ALA A 215 1.26 2.24 -12.69
C ALA A 215 2.68 2.18 -12.17
N ILE A 216 3.39 3.32 -12.20
CA ILE A 216 4.74 3.38 -11.66
C ILE A 216 4.71 3.43 -10.13
N ILE A 217 3.83 4.27 -9.60
CA ILE A 217 3.64 4.35 -8.16
C ILE A 217 3.35 2.95 -7.59
N SER A 218 2.55 2.16 -8.32
CA SER A 218 2.22 0.80 -7.89
C SER A 218 3.39 -0.18 -8.05
N THR A 219 3.92 -0.30 -9.26
CA THR A 219 4.88 -1.38 -9.50
C THR A 219 6.21 -1.13 -8.78
N ALA A 220 6.58 0.12 -8.61
CA ALA A 220 7.78 0.46 -7.85
C ALA A 220 7.54 0.62 -6.35
N LYS A 221 6.32 0.33 -5.92
CA LYS A 221 5.95 0.36 -4.50
C LYS A 221 6.20 1.71 -3.82
N LEU A 222 5.97 2.80 -4.54
CA LEU A 222 6.22 4.12 -3.97
C LEU A 222 5.21 4.46 -2.88
N TYR A 223 4.09 3.74 -2.87
CA TYR A 223 3.13 3.86 -1.78
C TYR A 223 3.70 3.50 -0.40
N GLU A 224 4.78 2.74 -0.39
CA GLU A 224 5.41 2.37 0.87
C GLU A 224 6.14 3.55 1.51
N VAL A 225 6.48 4.57 0.72
CA VAL A 225 7.38 5.63 1.16
C VAL A 225 6.81 7.02 0.85
N GLN A 226 5.50 7.06 0.62
CA GLN A 226 4.76 8.32 0.42
C GLN A 226 3.42 8.18 1.16
N LYS A 227 2.78 9.32 1.44
CA LYS A 227 1.51 9.33 2.19
C LYS A 227 0.33 9.81 1.34
N TYR A 228 0.59 10.72 0.42
CA TYR A 228 -0.46 11.38 -0.35
C TYR A 228 -0.25 11.20 -1.82
N CYS A 229 -1.35 11.06 -2.55
CA CYS A 229 -1.30 11.08 -4.01
C CYS A 229 -2.34 12.09 -4.46
N SER A 230 -1.87 13.10 -5.19
CA SER A 230 -2.70 14.18 -5.69
C SER A 230 -2.76 14.07 -7.19
N LEU A 231 -4.00 13.98 -7.71
CA LEU A 231 -4.20 13.71 -9.14
C LEU A 231 -4.07 14.97 -10.00
N THR A 232 -2.85 15.49 -10.03
CA THR A 232 -2.54 16.72 -10.73
C THR A 232 -2.55 16.53 -12.26
N ASN A 233 -2.39 15.29 -12.70
CA ASN A 233 -2.56 14.95 -14.11
C ASN A 233 -1.86 15.95 -15.02
N HIS A 234 -0.61 16.26 -14.70
CA HIS A 234 0.02 17.48 -15.24
C HIS A 234 0.68 17.29 -16.61
N TRP A 236 1.31 14.02 -20.01
CA TRP A 236 1.41 12.65 -20.50
C TRP A 236 2.84 12.44 -21.01
N ASP A 237 3.41 11.28 -20.73
CA ASP A 237 4.69 10.89 -21.30
C ASP A 237 4.75 9.38 -21.48
N GLY A 238 5.61 8.97 -22.41
CA GLY A 238 5.83 7.56 -22.71
C GLY A 238 7.30 7.21 -22.76
N PHE A 239 7.62 6.18 -23.53
CA PHE A 239 9.01 5.71 -23.72
C PHE A 239 9.23 5.43 -25.19
N TRP A 240 10.12 6.16 -25.81
CA TRP A 240 10.57 5.79 -27.13
C TRP A 240 11.40 4.51 -27.05
N PHE A 241 11.23 3.60 -28.01
CA PHE A 241 12.01 2.38 -28.04
C PHE A 241 13.16 2.60 -29.00
N LEU A 242 14.32 2.92 -28.40
CA LEU A 242 15.51 3.33 -29.14
C LEU A 242 16.40 2.14 -29.46
N ALA A 243 17.07 2.23 -30.61
CA ALA A 243 18.07 1.26 -31.00
C ALA A 243 19.34 1.96 -31.40
N ASN A 244 20.47 1.41 -31.01
CA ASN A 244 21.74 1.87 -31.51
C ASN A 244 21.78 1.64 -33.02
N ARG A 245 22.13 2.66 -33.77
CA ARG A 245 21.99 2.59 -35.23
C ARG A 245 22.89 1.55 -35.87
N ARG A 246 24.14 1.51 -35.47
CA ARG A 246 25.04 0.52 -36.03
C ARG A 246 24.55 -0.88 -35.73
N ALA A 247 24.08 -1.13 -34.51
CA ALA A 247 23.59 -2.47 -34.18
C ALA A 247 22.32 -2.81 -34.96
N TRP A 248 21.47 -1.81 -35.19
CA TRP A 248 20.26 -2.03 -35.97
C TRP A 248 20.58 -2.37 -37.41
N GLU A 249 21.50 -1.62 -37.98
CA GLU A 249 21.92 -1.80 -39.38
C GLU A 249 22.73 -3.09 -39.60
N ARG A 250 23.28 -3.63 -38.54
CA ARG A 250 24.01 -4.89 -38.61
C ARG A 250 23.06 -6.08 -38.75
N LEU A 251 21.81 -5.91 -38.33
CA LEU A 251 20.82 -6.95 -38.57
C LEU A 251 20.49 -7.01 -40.06
N PRO A 252 20.56 -8.20 -40.69
CA PRO A 252 20.11 -8.32 -42.07
C PRO A 252 18.63 -7.92 -42.22
N ALA A 253 18.24 -7.47 -43.40
CA ALA A 253 16.92 -6.86 -43.61
C ALA A 253 15.76 -7.74 -43.15
N ASP A 254 15.86 -9.06 -43.38
CA ASP A 254 14.77 -9.96 -42.97
C ASP A 254 14.62 -10.00 -41.46
N LEU A 255 15.74 -10.03 -40.75
CA LEU A 255 15.71 -10.04 -39.28
C LEU A 255 15.25 -8.70 -38.73
N ARG A 256 15.68 -7.62 -39.36
CA ARG A 256 15.26 -6.29 -38.95
C ARG A 256 13.75 -6.17 -39.01
N ASP A 257 13.15 -6.68 -40.09
CA ASP A 257 11.70 -6.59 -40.24
C ASP A 257 11.00 -7.37 -39.14
N ILE A 258 11.46 -8.58 -38.85
CA ILE A 258 10.88 -9.40 -37.80
C ILE A 258 11.00 -8.72 -36.43
N VAL A 259 12.18 -8.18 -36.15
CA VAL A 259 12.39 -7.53 -34.86
C VAL A 259 11.49 -6.31 -34.73
N ALA A 260 11.49 -5.44 -35.74
CA ALA A 260 10.65 -4.24 -35.68
C ALA A 260 9.16 -4.58 -35.49
N ARG A 261 8.66 -5.55 -36.24
CA ARG A 261 7.25 -5.92 -36.13
C ARG A 261 6.92 -6.38 -34.71
N ASN A 262 7.81 -7.19 -34.14
CA ASN A 262 7.56 -7.71 -32.82
C ASN A 262 7.68 -6.66 -31.72
N ILE A 263 8.62 -5.74 -31.87
CA ILE A 263 8.73 -4.67 -30.88
C ILE A 263 7.45 -3.80 -30.88
N ASN A 264 7.00 -3.41 -32.07
CA ASN A 264 5.79 -2.61 -32.17
C ASN A 264 4.54 -3.35 -31.66
N ALA A 265 4.45 -4.66 -31.94
CA ALA A 265 3.33 -5.46 -31.45
C ALA A 265 3.31 -5.48 -29.93
N ALA A 266 4.48 -5.66 -29.34
CA ALA A 266 4.60 -5.67 -27.88
C ALA A 266 4.19 -4.31 -27.31
N GLY A 267 4.60 -3.24 -27.99
CA GLY A 267 4.19 -1.89 -27.62
C GLY A 267 2.69 -1.66 -27.62
N VAL A 268 2.01 -2.16 -28.64
CA VAL A 268 0.57 -2.01 -28.70
C VAL A 268 -0.09 -2.75 -27.52
N ASN A 269 0.39 -3.95 -27.22
CA ASN A 269 -0.13 -4.67 -26.09
C ASN A 269 0.18 -3.96 -24.78
N GLN A 270 1.40 -3.44 -24.66
CA GLN A 270 1.81 -2.72 -23.46
C GLN A 270 0.94 -1.51 -23.23
N ARG A 271 0.59 -0.79 -24.29
CA ARG A 271 -0.28 0.37 -24.15
C ARG A 271 -1.61 -0.04 -23.53
N ALA A 272 -2.17 -1.14 -24.02
CA ALA A 272 -3.47 -1.60 -23.55
C ALA A 272 -3.38 -1.97 -22.07
N ASP A 273 -2.28 -2.62 -21.68
CA ASP A 273 -2.08 -2.98 -20.27
C ASP A 273 -1.99 -1.76 -19.39
N VAL A 274 -1.21 -0.77 -19.83
CA VAL A 274 -0.93 0.40 -19.00
C VAL A 274 -2.15 1.30 -18.86
N ALA A 275 -2.93 1.42 -19.93
CA ALA A 275 -4.17 2.18 -19.88
C ALA A 275 -5.09 1.62 -18.81
N LYS A 276 -5.22 0.28 -18.77
CA LYS A 276 -6.10 -0.33 -17.79
C LYS A 276 -5.60 -0.10 -16.38
N LEU A 277 -4.30 -0.23 -16.16
CA LEU A 277 -3.74 0.01 -14.85
C LEU A 277 -3.97 1.45 -14.37
N ASN A 278 -3.65 2.41 -15.22
CA ASN A 278 -3.77 3.81 -14.80
C ASN A 278 -5.24 4.20 -14.60
N ALA A 279 -6.15 3.57 -15.33
CA ALA A 279 -7.57 3.85 -15.17
C ALA A 279 -8.13 3.28 -13.88
N GLY A 280 -7.56 2.17 -13.40
CA GLY A 280 -8.17 1.44 -12.31
C GLY A 280 -7.41 1.35 -10.99
N LEU A 281 -6.18 1.83 -10.96
CA LEU A 281 -5.33 1.58 -9.80
C LEU A 281 -5.67 2.39 -8.57
N LYS A 282 -6.42 3.49 -8.71
CA LYS A 282 -6.63 4.36 -7.56
C LYS A 282 -7.24 3.59 -6.40
N ASP A 283 -8.28 2.81 -6.65
CA ASP A 283 -8.96 2.17 -5.55
C ASP A 283 -8.03 1.18 -4.83
N GLU A 284 -7.21 0.47 -5.58
CA GLU A 284 -6.26 -0.47 -4.99
C GLU A 284 -5.19 0.27 -4.20
N LEU A 285 -4.61 1.32 -4.78
CA LEU A 285 -3.58 2.08 -4.09
C LEU A 285 -4.12 2.74 -2.81
N ALA A 286 -5.39 3.13 -2.80
CA ALA A 286 -5.98 3.76 -1.62
C ALA A 286 -6.06 2.82 -0.42
N THR A 287 -5.97 1.53 -0.66
CA THR A 287 -5.94 0.61 0.46
C THR A 287 -4.54 0.10 0.79
N LYS A 288 -3.53 0.66 0.12
CA LYS A 288 -2.14 0.27 0.34
C LYS A 288 -1.23 1.34 0.97
N GLY A 289 -1.80 2.41 1.50
CA GLY A 289 -1.01 3.42 2.19
C GLY A 289 -0.91 4.75 1.48
N LEU A 290 -1.82 5.00 0.53
CA LEU A 290 -1.91 6.31 -0.11
C LEU A 290 -3.30 6.91 0.05
N THR A 291 -3.34 8.16 0.48
CA THR A 291 -4.56 8.92 0.56
C THR A 291 -4.63 9.83 -0.66
N PHE A 292 -5.71 9.71 -1.43
CA PHE A 292 -5.87 10.42 -2.69
C PHE A 292 -6.71 11.68 -2.55
N ASN A 293 -6.37 12.68 -3.36
CA ASN A 293 -7.26 13.80 -3.59
C ASN A 293 -7.22 14.17 -5.07
N GLN A 294 -8.32 14.71 -5.57
CA GLN A 294 -8.42 15.23 -6.93
C GLN A 294 -8.47 16.75 -6.87
N PRO A 295 -7.35 17.41 -7.12
CA PRO A 295 -7.40 18.87 -7.10
C PRO A 295 -8.10 19.40 -8.34
N THR A 296 -8.64 20.60 -8.23
CA THR A 296 -9.16 21.32 -9.39
C THR A 296 -8.01 21.73 -10.28
N ILE A 297 -8.06 21.36 -11.55
CA ILE A 297 -6.87 21.45 -12.41
C ILE A 297 -6.60 22.84 -12.97
N GLY A 298 -7.64 23.58 -13.28
CA GLY A 298 -7.50 24.85 -13.95
C GLY A 298 -6.46 25.79 -13.36
N PRO A 299 -6.47 25.96 -12.02
CA PRO A 299 -5.49 26.89 -11.45
C PRO A 299 -4.04 26.48 -11.71
N PHE A 300 -3.78 25.19 -11.92
CA PHE A 300 -2.41 24.75 -12.19
C PHE A 300 -2.00 25.19 -13.61
N ARG A 301 -2.91 25.03 -14.57
CA ARG A 301 -2.64 25.47 -15.92
C ARG A 301 -2.44 26.99 -15.92
N ASP A 302 -3.27 27.70 -15.15
CA ASP A 302 -3.14 29.17 -15.01
C ASP A 302 -1.79 29.57 -14.48
N LYS A 303 -1.28 28.79 -13.52
CA LYS A 303 0.00 29.10 -12.91
C LYS A 303 1.12 28.92 -13.92
N LEU A 304 1.10 27.83 -14.69
CA LEU A 304 2.12 27.65 -15.70
C LEU A 304 2.08 28.80 -16.73
N ARG A 305 0.87 29.21 -17.11
CA ARG A 305 0.75 30.32 -18.04
C ARG A 305 1.37 31.59 -17.46
N ALA A 306 0.99 31.93 -16.24
CA ALA A 306 1.45 33.16 -15.61
C ALA A 306 2.94 33.18 -15.39
N ALA A 307 3.54 32.01 -15.21
CA ALA A 307 4.95 31.86 -14.99
C ALA A 307 5.73 31.95 -16.31
N GLY A 308 5.00 32.00 -17.42
CA GLY A 308 5.63 32.08 -18.73
C GLY A 308 6.03 30.77 -19.35
N PHE A 309 5.54 29.67 -18.79
CA PHE A 309 5.97 28.35 -19.24
C PHE A 309 5.60 28.06 -20.70
N TYR A 310 4.39 28.40 -21.10
CA TYR A 310 3.95 28.11 -22.46
C TYR A 310 4.71 28.99 -23.46
N ALA A 311 4.97 30.24 -23.07
CA ALA A 311 5.71 31.13 -23.93
C ALA A 311 7.17 30.65 -24.07
N GLU A 312 7.74 30.19 -22.98
CA GLU A 312 9.12 29.69 -23.01
C GLU A 312 9.28 28.57 -24.03
N TRP A 313 8.38 27.57 -23.95
CA TRP A 313 8.54 26.40 -24.76
C TRP A 313 8.11 26.63 -26.21
N LYS A 314 7.15 27.51 -26.43
CA LYS A 314 6.86 27.92 -27.81
C LYS A 314 8.12 28.48 -28.45
N GLY A 315 8.85 29.29 -27.70
CA GLY A 315 10.08 29.87 -28.20
C GLY A 315 11.15 28.82 -28.45
N LYS A 316 11.28 27.89 -27.52
CA LYS A 316 12.33 26.88 -27.66
C LYS A 316 12.09 25.89 -28.80
N TYR A 317 10.84 25.46 -28.99
CA TYR A 317 10.56 24.48 -30.05
C TYR A 317 10.45 25.15 -31.42
N GLY A 318 10.13 26.43 -31.44
CA GLY A 318 9.91 27.14 -32.69
C GLY A 318 8.46 27.10 -33.16
N GLU A 319 8.09 28.03 -34.03
CA GLU A 319 6.68 28.19 -34.38
C GLU A 319 6.11 26.96 -35.10
N GLN A 320 6.89 26.33 -35.97
CA GLN A 320 6.37 25.22 -36.74
C GLN A 320 6.04 24.02 -35.84
N ALA A 321 6.96 23.69 -34.96
CA ALA A 321 6.75 22.58 -34.03
C ALA A 321 5.61 22.87 -33.05
N TRP A 322 5.54 24.10 -32.57
CA TRP A 322 4.48 24.47 -31.64
C TRP A 322 3.14 24.37 -32.34
N SER A 323 3.07 24.86 -33.57
CA SER A 323 1.82 24.76 -34.32
C SER A 323 1.41 23.30 -34.51
N LEU A 324 2.38 22.41 -34.72
CA LEU A 324 2.08 20.99 -34.87
C LEU A 324 1.52 20.40 -33.56
N LEU A 325 2.09 20.79 -32.43
CA LEU A 325 1.56 20.37 -31.13
C LEU A 325 0.13 20.89 -30.94
N GLU A 326 -0.10 22.16 -31.23
CA GLU A 326 -1.44 22.72 -31.11
C GLU A 326 -2.46 21.98 -31.98
N LYS A 327 -2.08 21.69 -33.21
CA LYS A 327 -2.95 20.98 -34.13
C LYS A 327 -3.32 19.64 -33.51
N SER A 328 -2.31 19.00 -32.92
CA SER A 328 -2.43 17.65 -32.35
C SER A 328 -3.41 17.61 -31.20
N VAL A 329 -3.40 18.62 -30.33
CA VAL A 329 -4.18 18.56 -29.10
C VAL A 329 -5.61 19.06 -29.29
N GLY A 330 -5.86 19.71 -30.43
CA GLY A 330 -7.18 20.31 -30.69
C GLY A 330 -8.28 19.37 -31.15
N LYS A 331 -7.88 18.13 -31.41
CA LYS A 331 -8.80 17.16 -31.94
C LYS A 331 -9.92 16.80 -30.97
N LEU A 332 -11.13 16.65 -31.49
CA LEU A 332 -12.30 16.34 -30.66
C LEU A 332 -13.00 15.12 -31.22
N ALA A 333 -12.83 14.00 -30.55
CA ALA A 333 -13.42 12.76 -31.01
C ALA A 333 -13.41 11.76 -29.87
N ALA B 24 -23.15 24.77 22.27
CA ALA B 24 -22.89 24.79 20.84
C ALA B 24 -22.43 23.43 20.34
N GLU B 25 -22.93 23.04 19.17
CA GLU B 25 -22.62 21.75 18.58
C GLU B 25 -21.40 21.82 17.66
N ALA B 26 -20.49 20.86 17.78
CA ALA B 26 -19.37 20.74 16.84
C ALA B 26 -19.91 20.43 15.46
N GLU B 27 -19.17 20.81 14.43
CA GLU B 27 -19.62 20.57 13.07
C GLU B 27 -19.75 19.09 12.77
N PHE B 28 -18.81 18.30 13.28
CA PHE B 28 -18.82 16.85 13.11
C PHE B 28 -18.75 16.19 14.46
N VAL B 29 -19.84 15.54 14.86
CA VAL B 29 -19.88 14.75 16.10
C VAL B 29 -19.95 13.28 15.75
N TYR B 30 -18.81 12.60 15.89
CA TYR B 30 -18.69 11.22 15.46
C TYR B 30 -18.62 10.31 16.68
N LYS B 31 -19.24 9.14 16.55
CA LYS B 31 -19.32 8.18 17.62
C LYS B 31 -18.28 7.09 17.48
N TYR B 32 -17.54 6.85 18.56
CA TYR B 32 -16.57 5.76 18.64
C TYR B 32 -17.07 4.79 19.70
N ALA B 33 -17.40 3.59 19.27
CA ALA B 33 -17.89 2.52 20.13
C ALA B 33 -16.75 1.55 20.44
N ASN B 34 -16.72 1.03 21.66
CA ASN B 34 -15.81 -0.06 21.97
C ASN B 34 -16.39 -1.00 23.02
N ASN B 35 -15.68 -2.11 23.26
CA ASN B 35 -16.20 -3.15 24.14
C ASN B 35 -15.52 -3.21 25.50
N LEU B 36 -14.67 -2.23 25.83
CA LEU B 36 -13.80 -2.36 27.00
C LEU B 36 -14.18 -1.42 28.13
N PRO B 37 -13.79 -1.77 29.36
CA PRO B 37 -14.10 -0.89 30.48
C PRO B 37 -13.47 0.50 30.31
N ASP B 38 -14.08 1.52 30.88
CA ASP B 38 -13.58 2.88 30.75
C ASP B 38 -12.25 3.10 31.48
N THR B 39 -11.81 2.12 32.28
CA THR B 39 -10.53 2.15 32.97
C THR B 39 -9.37 1.54 32.17
N HIS B 40 -9.67 0.88 31.06
CA HIS B 40 -8.65 0.26 30.24
C HIS B 40 -7.91 1.33 29.44
N PRO B 41 -6.61 1.12 29.16
CA PRO B 41 -5.88 2.11 28.36
C PRO B 41 -6.54 2.50 27.02
N ASN B 43 -9.55 3.24 26.52
CA ASN B 43 -10.43 4.36 26.81
C ASN B 43 -9.73 5.56 27.41
N ILE B 44 -8.71 5.32 28.23
CA ILE B 44 -7.90 6.44 28.71
C ILE B 44 -7.30 7.18 27.51
N ARG B 45 -6.71 6.44 26.58
CA ARG B 45 -6.08 7.07 25.44
C ARG B 45 -7.11 7.62 24.46
N ALA B 46 -8.26 6.96 24.34
CA ALA B 46 -9.33 7.48 23.48
C ALA B 46 -9.79 8.87 23.97
N ARG B 47 -9.90 9.05 25.28
CA ARG B 47 -10.28 10.35 25.81
C ARG B 47 -9.21 11.41 25.49
N GLU B 48 -7.93 11.04 25.60
CA GLU B 48 -6.84 11.96 25.25
C GLU B 48 -6.91 12.32 23.78
N ALA B 50 -9.55 12.23 21.82
CA ALA B 50 -10.70 13.10 21.57
C ALA B 50 -10.32 14.54 21.93
N ALA B 51 -9.62 14.74 23.04
CA ALA B 51 -9.19 16.09 23.43
C ALA B 51 -8.19 16.69 22.45
N ALA B 52 -7.26 15.89 21.98
CA ALA B 52 -6.30 16.36 20.99
C ALA B 52 -6.96 16.71 19.66
N ILE B 53 -7.91 15.88 19.24
CA ILE B 53 -8.65 16.14 18.01
C ILE B 53 -9.49 17.42 18.13
N LYS B 54 -10.14 17.62 19.27
CA LYS B 54 -10.94 18.82 19.47
C LYS B 54 -10.04 20.05 19.39
N ALA B 55 -8.85 19.96 19.98
CA ALA B 55 -7.92 21.09 19.99
C ALA B 55 -7.41 21.38 18.58
N GLU B 56 -6.93 20.35 17.89
CA GLU B 56 -6.27 20.57 16.62
C GLU B 56 -7.25 20.92 15.49
N THR B 57 -8.51 20.56 15.65
CA THR B 57 -9.51 20.89 14.65
C THR B 57 -10.26 22.18 14.99
N ASN B 58 -9.76 22.95 15.95
CA ASN B 58 -10.47 24.16 16.43
C ASN B 58 -11.94 23.87 16.72
N GLY B 59 -12.18 22.73 17.34
CA GLY B 59 -13.51 22.38 17.80
C GLY B 59 -14.43 21.84 16.73
N ARG B 60 -13.93 21.67 15.51
CA ARG B 60 -14.80 21.24 14.39
C ARG B 60 -15.14 19.76 14.44
N VAL B 61 -14.28 18.93 15.03
CA VAL B 61 -14.56 17.51 15.17
C VAL B 61 -14.62 17.12 16.63
N GLN B 62 -15.72 16.50 17.02
CA GLN B 62 -15.87 15.96 18.35
C GLN B 62 -16.05 14.45 18.24
N ILE B 63 -15.25 13.69 18.97
CA ILE B 63 -15.39 12.23 19.07
C ILE B 63 -16.09 11.91 20.39
N ASP B 64 -17.33 11.43 20.29
CA ASP B 64 -18.06 10.96 21.46
C ASP B 64 -17.73 9.50 21.66
N ILE B 65 -17.35 9.12 22.88
CA ILE B 65 -16.87 7.78 23.14
C ILE B 65 -17.93 6.99 23.89
N PHE B 66 -18.17 5.76 23.45
CA PHE B 66 -19.15 4.87 24.03
C PHE B 66 -18.48 3.56 24.43
N PRO B 67 -17.90 3.52 25.64
CA PRO B 67 -17.11 2.37 26.06
C PRO B 67 -17.99 1.22 26.50
N SER B 68 -17.33 0.09 26.73
CA SER B 68 -17.94 -1.05 27.40
C SER B 68 -19.32 -1.41 26.85
N ASN B 69 -19.41 -1.53 25.53
CA ASN B 69 -20.62 -2.02 24.88
C ASN B 69 -21.85 -1.17 25.12
N GLN B 70 -21.67 0.11 25.43
CA GLN B 70 -22.83 0.98 25.68
C GLN B 70 -23.82 0.99 24.53
N LEU B 71 -23.33 1.03 23.29
CA LEU B 71 -24.22 1.10 22.14
C LEU B 71 -24.66 -0.24 21.60
N GLY B 72 -24.04 -1.31 22.10
CA GLY B 72 -24.32 -2.65 21.64
C GLY B 72 -23.11 -3.54 21.77
N SER B 73 -23.27 -4.83 21.47
CA SER B 73 -22.23 -5.83 21.60
C SER B 73 -21.39 -5.89 20.32
N ASP B 74 -20.34 -6.69 20.33
CA ASP B 74 -19.39 -6.66 19.20
C ASP B 74 -20.01 -7.08 17.87
N THR B 75 -20.85 -8.11 17.84
CA THR B 75 -21.48 -8.51 16.59
C THR B 75 -22.40 -7.39 16.09
N ASP B 76 -23.11 -6.74 17.00
CA ASP B 76 -23.98 -5.58 16.68
C ASP B 76 -23.15 -4.47 16.07
N LEU B 78 -20.21 -4.56 14.66
CA LEU B 78 -19.67 -4.92 13.36
C LEU B 78 -20.73 -4.59 12.29
N SER B 79 -21.99 -4.90 12.57
CA SER B 79 -23.04 -4.54 11.63
C SER B 79 -23.16 -3.02 11.51
N GLN B 80 -23.06 -2.32 12.63
CA GLN B 80 -23.22 -0.85 12.61
C GLN B 80 -22.07 -0.10 11.95
N ILE B 81 -20.84 -0.60 12.06
CA ILE B 81 -19.73 0.08 11.40
C ILE B 81 -19.85 -0.08 9.89
N ARG B 82 -20.39 -1.23 9.45
CA ARG B 82 -20.69 -1.46 8.03
C ARG B 82 -21.80 -0.54 7.49
N SER B 83 -22.86 -0.35 8.28
CA SER B 83 -24.05 0.35 7.80
C SER B 83 -24.02 1.84 8.07
N GLY B 84 -23.11 2.31 8.92
CA GLY B 84 -23.08 3.72 9.29
C GLY B 84 -23.77 4.09 10.59
N GLY B 85 -24.23 3.10 11.36
CA GLY B 85 -24.82 3.37 12.66
C GLY B 85 -23.83 3.95 13.67
N VAL B 86 -22.56 3.61 13.52
N VAL B 86 -22.56 3.65 13.45
CA VAL B 86 -21.51 4.30 14.25
CA VAL B 86 -21.48 4.21 14.23
C VAL B 86 -20.44 4.65 13.23
C VAL B 86 -20.36 4.56 13.26
N GLU B 87 -19.57 5.58 13.60
CA GLU B 87 -18.56 6.08 12.69
C GLU B 87 -17.19 5.44 12.92
N PHE B 88 -16.89 5.08 14.16
CA PHE B 88 -15.63 4.43 14.53
C PHE B 88 -15.90 3.25 15.46
N PHE B 89 -15.10 2.20 15.32
CA PHE B 89 -15.25 0.99 16.13
C PHE B 89 -13.95 0.22 16.13
N THR B 90 -13.45 -0.13 17.31
CA THR B 90 -12.31 -1.01 17.43
C THR B 90 -12.76 -2.47 17.46
N LEU B 91 -12.08 -3.30 16.69
CA LEU B 91 -12.49 -4.68 16.51
C LEU B 91 -11.32 -5.59 16.19
N SER B 92 -11.23 -6.70 16.91
CA SER B 92 -10.31 -7.77 16.57
C SER B 92 -10.49 -8.22 15.13
N GLY B 93 -9.39 -8.39 14.41
CA GLY B 93 -9.45 -8.97 13.09
C GLY B 93 -10.07 -10.36 13.06
N LEU B 94 -9.97 -11.09 14.18
CA LEU B 94 -10.53 -12.42 14.22
C LEU B 94 -12.06 -12.37 14.19
N ILE B 95 -12.67 -11.37 14.84
CA ILE B 95 -14.12 -11.19 14.78
C ILE B 95 -14.52 -10.60 13.43
N LEU B 96 -13.75 -9.64 12.94
CA LEU B 96 -13.91 -9.07 11.61
C LEU B 96 -13.86 -10.12 10.48
N SER B 97 -13.23 -11.25 10.75
CA SER B 97 -12.91 -12.20 9.68
C SER B 97 -14.09 -12.88 9.02
N THR B 98 -15.28 -12.81 9.61
CA THR B 98 -16.43 -13.32 8.90
C THR B 98 -16.78 -12.44 7.69
N LEU B 99 -16.42 -11.15 7.77
CA LEU B 99 -16.54 -10.23 6.64
C LEU B 99 -15.26 -10.20 5.78
N VAL B 100 -14.10 -10.18 6.45
CA VAL B 100 -12.79 -10.04 5.80
C VAL B 100 -11.95 -11.26 6.19
N PRO B 101 -12.02 -12.35 5.40
CA PRO B 101 -11.43 -13.60 5.90
C PRO B 101 -9.95 -13.54 6.26
N ALA B 102 -9.16 -12.72 5.58
CA ALA B 102 -7.73 -12.64 5.87
C ALA B 102 -7.43 -12.07 7.24
N ALA B 103 -8.37 -11.36 7.85
CA ALA B 103 -8.09 -10.57 9.03
C ALA B 103 -7.86 -11.39 10.30
N SER B 104 -8.18 -12.68 10.28
CA SER B 104 -7.88 -13.52 11.42
C SER B 104 -6.42 -13.99 11.49
N ILE B 105 -5.63 -13.71 10.46
CA ILE B 105 -4.32 -14.37 10.31
C ILE B 105 -3.39 -14.13 11.51
N ASN B 106 -3.48 -12.98 12.19
CA ASN B 106 -2.59 -12.76 13.33
C ASN B 106 -2.86 -13.67 14.52
N GLY B 107 -3.99 -14.38 14.53
CA GLY B 107 -4.38 -15.16 15.69
C GLY B 107 -3.91 -16.59 15.67
N ILE B 108 -3.13 -16.99 14.67
CA ILE B 108 -2.63 -18.36 14.63
C ILE B 108 -1.91 -18.74 15.94
N GLY B 109 -2.25 -19.89 16.49
CA GLY B 109 -1.78 -20.32 17.79
C GLY B 109 -0.26 -20.40 17.89
N PHE B 110 0.29 -19.74 18.90
CA PHE B 110 1.72 -19.82 19.25
C PHE B 110 2.62 -19.27 18.15
N ALA B 111 2.07 -18.42 17.30
CA ALA B 111 2.79 -17.98 16.11
C ALA B 111 3.91 -16.97 16.41
N PHE B 112 3.59 -15.93 17.18
CA PHE B 112 4.53 -14.85 17.44
C PHE B 112 5.28 -15.09 18.74
N PRO B 113 6.62 -15.05 18.69
CA PRO B 113 7.30 -15.34 19.95
C PRO B 113 7.35 -14.17 20.94
N ASP B 114 7.22 -12.94 20.45
CA ASP B 114 7.37 -11.74 21.27
C ASP B 114 6.69 -10.58 20.60
N TYR B 115 6.55 -9.50 21.35
CA TYR B 115 6.05 -8.25 20.78
C TYR B 115 6.94 -7.68 19.67
N ASP B 116 8.24 -7.95 19.75
CA ASP B 116 9.18 -7.51 18.71
C ASP B 116 8.63 -7.90 17.33
N THR B 117 8.33 -9.17 17.16
CA THR B 117 7.86 -9.67 15.89
C THR B 117 6.43 -9.22 15.58
N VAL B 118 5.58 -9.12 16.59
CA VAL B 118 4.22 -8.64 16.40
C VAL B 118 4.22 -7.26 15.71
N TRP B 119 4.94 -6.28 16.26
CA TRP B 119 4.78 -4.93 15.75
C TRP B 119 5.48 -4.81 14.38
N LYS B 120 6.60 -5.48 14.21
CA LYS B 120 7.26 -5.44 12.90
C LYS B 120 6.34 -5.99 11.82
N ALA B 121 5.59 -7.04 12.17
CA ALA B 121 4.64 -7.67 11.24
C ALA B 121 3.41 -6.79 10.99
N ASP B 123 2.82 -3.54 11.67
CA ASP B 123 3.15 -2.24 11.07
C ASP B 123 3.91 -2.40 9.77
N GLY B 124 4.18 -3.65 9.39
CA GLY B 124 4.88 -3.97 8.18
C GLY B 124 4.01 -4.71 7.19
N GLU B 125 4.61 -5.69 6.53
CA GLU B 125 4.00 -6.34 5.37
C GLU B 125 2.76 -7.15 5.70
N LEU B 126 2.75 -7.88 6.81
CA LEU B 126 1.57 -8.65 7.18
C LEU B 126 0.36 -7.75 7.43
N GLY B 127 0.59 -6.71 8.23
CA GLY B 127 -0.48 -5.77 8.49
C GLY B 127 -0.89 -5.03 7.24
N GLY B 128 0.05 -4.78 6.34
CA GLY B 128 -0.26 -4.12 5.09
C GLY B 128 -1.23 -4.97 4.28
N TYR B 129 -0.98 -6.27 4.26
CA TYR B 129 -1.84 -7.23 3.58
C TYR B 129 -3.24 -7.18 4.19
N VAL B 130 -3.32 -7.31 5.50
CA VAL B 130 -4.62 -7.27 6.17
C VAL B 130 -5.36 -5.97 5.94
N ARG B 131 -4.69 -4.83 6.12
CA ARG B 131 -5.35 -3.55 5.90
C ARG B 131 -5.84 -3.42 4.47
N GLY B 132 -5.08 -3.93 3.51
CA GLY B 132 -5.52 -3.91 2.14
C GLY B 132 -6.80 -4.70 1.96
N GLU B 133 -6.91 -5.87 2.58
CA GLU B 133 -8.12 -6.66 2.47
C GLU B 133 -9.29 -5.96 3.15
N ILE B 134 -9.04 -5.31 4.28
CA ILE B 134 -10.11 -4.60 4.95
C ILE B 134 -10.61 -3.46 4.07
N GLY B 135 -9.70 -2.72 3.44
CA GLY B 135 -10.08 -1.68 2.53
C GLY B 135 -10.84 -2.19 1.33
N LYS B 136 -10.42 -3.34 0.80
CA LYS B 136 -11.11 -3.92 -0.36
C LYS B 136 -12.54 -4.33 0.00
N ALA B 137 -12.79 -4.60 1.27
CA ALA B 137 -14.11 -4.97 1.76
C ALA B 137 -14.99 -3.73 2.03
N GLY B 138 -14.43 -2.55 1.83
CA GLY B 138 -15.22 -1.32 1.88
C GLY B 138 -15.16 -0.54 3.18
N LEU B 139 -14.37 -1.02 4.13
CA LEU B 139 -14.15 -0.30 5.39
C LEU B 139 -12.89 0.55 5.28
N VAL B 140 -12.78 1.53 6.16
CA VAL B 140 -11.55 2.28 6.35
C VAL B 140 -10.92 1.74 7.63
N VAL B 141 -9.59 1.66 7.65
CA VAL B 141 -8.90 1.15 8.83
C VAL B 141 -7.65 2.01 9.04
N ASP B 143 -3.84 3.00 10.22
CA ASP B 143 -2.58 2.29 10.03
C ASP B 143 -2.19 1.41 11.23
N LYS B 144 -2.31 1.95 12.44
CA LYS B 144 -1.81 1.25 13.63
C LYS B 144 -2.89 0.42 14.29
N ILE B 145 -2.69 -0.89 14.34
CA ILE B 145 -3.54 -1.73 15.15
C ILE B 145 -3.28 -1.42 16.64
N TRP B 146 -4.33 -1.34 17.45
CA TRP B 146 -4.19 -1.15 18.88
C TRP B 146 -3.95 -2.48 19.58
N ASP B 147 -3.33 -2.48 20.74
CA ASP B 147 -3.03 -3.75 21.41
C ASP B 147 -4.22 -4.24 22.23
N ASN B 148 -4.24 -5.56 22.40
CA ASN B 148 -5.05 -6.21 23.41
C ASN B 148 -4.05 -7.07 24.21
N GLY B 149 -3.44 -8.03 23.53
CA GLY B 149 -2.26 -8.69 24.07
C GLY B 149 -2.23 -10.19 23.79
N PHE B 150 -1.19 -10.80 24.36
CA PHE B 150 -1.10 -12.27 24.41
C PHE B 150 -2.12 -12.79 25.41
N ARG B 151 -2.84 -13.83 25.01
CA ARG B 151 -4.02 -14.28 25.74
C ARG B 151 -3.70 -15.47 26.64
N GLN B 152 -4.26 -15.45 27.83
CA GLN B 152 -4.10 -16.51 28.84
C GLN B 152 -5.48 -17.14 29.07
N THR B 153 -5.54 -18.22 29.83
CA THR B 153 -6.82 -18.91 30.08
C THR B 153 -7.23 -18.72 31.54
N THR B 154 -8.53 -18.58 31.79
CA THR B 154 -9.02 -18.66 33.14
C THR B 154 -10.13 -19.71 33.21
N THR B 155 -10.29 -20.30 34.39
CA THR B 155 -11.38 -21.24 34.63
C THR B 155 -11.91 -21.09 36.05
N SER B 156 -13.10 -21.66 36.25
CA SER B 156 -13.68 -21.80 37.58
C SER B 156 -13.66 -23.25 38.03
N THR B 157 -12.99 -24.11 37.27
CA THR B 157 -13.01 -25.55 37.51
C THR B 157 -11.65 -26.10 37.95
N ARG B 158 -10.69 -26.17 37.02
CA ARG B 158 -9.35 -26.70 37.27
C ARG B 158 -8.34 -25.85 36.51
N PRO B 159 -7.09 -25.80 36.99
CA PRO B 159 -6.04 -25.20 36.18
C PRO B 159 -5.79 -25.99 34.91
N ILE B 160 -5.29 -25.29 33.90
CA ILE B 160 -4.86 -25.93 32.66
C ILE B 160 -3.34 -26.14 32.75
N THR B 161 -2.94 -27.37 32.99
CA THR B 161 -1.53 -27.70 33.20
C THR B 161 -0.94 -28.31 31.92
N GLY B 162 -1.79 -28.78 31.04
CA GLY B 162 -1.38 -29.36 29.78
C GLY B 162 -2.59 -29.48 28.90
N PRO B 163 -2.39 -29.79 27.61
CA PRO B 163 -3.51 -29.82 26.68
C PRO B 163 -4.64 -30.81 27.06
N ASP B 164 -4.33 -31.88 27.79
CA ASP B 164 -5.37 -32.81 28.21
C ASP B 164 -6.43 -32.10 29.06
N ASP B 165 -6.03 -31.07 29.79
CA ASP B 165 -6.96 -30.37 30.67
C ASP B 165 -8.00 -29.54 29.91
N PHE B 166 -7.77 -29.31 28.62
CA PHE B 166 -8.76 -28.60 27.79
C PHE B 166 -9.90 -29.55 27.36
N LYS B 167 -9.72 -30.86 27.48
CA LYS B 167 -10.70 -31.81 26.95
C LYS B 167 -12.02 -31.61 27.67
N GLY B 168 -13.06 -31.32 26.89
CA GLY B 168 -14.40 -31.10 27.43
C GLY B 168 -14.63 -29.77 28.11
N LEU B 169 -13.61 -28.90 28.19
CA LEU B 169 -13.80 -27.62 28.88
C LEU B 169 -14.79 -26.75 28.13
N LYS B 170 -15.82 -26.31 28.83
CA LYS B 170 -16.83 -25.43 28.27
C LYS B 170 -16.28 -24.01 28.32
N ILE B 171 -15.54 -23.64 27.30
CA ILE B 171 -14.81 -22.39 27.32
C ILE B 171 -15.50 -21.36 26.44
N ARG B 172 -15.69 -20.16 26.95
CA ARG B 172 -16.20 -19.08 26.13
C ARG B 172 -15.10 -18.63 25.18
N VAL B 173 -15.47 -18.32 23.95
CA VAL B 173 -14.60 -17.61 23.00
C VAL B 173 -15.40 -16.48 22.37
N PRO B 174 -14.71 -15.45 21.85
CA PRO B 174 -15.42 -14.46 21.02
C PRO B 174 -15.92 -15.13 19.75
N VAL B 175 -16.83 -14.45 19.05
CA VAL B 175 -17.44 -14.96 17.85
C VAL B 175 -16.45 -14.85 16.68
N SER B 176 -15.94 -15.99 16.22
CA SER B 176 -14.91 -16.04 15.19
C SER B 176 -14.64 -17.47 14.79
N PRO B 177 -14.48 -17.72 13.49
CA PRO B 177 -14.12 -19.08 13.07
C PRO B 177 -12.76 -19.55 13.61
N LEU B 178 -11.84 -18.62 13.81
CA LEU B 178 -10.48 -19.00 14.20
C LEU B 178 -10.48 -19.46 15.65
N TRP B 179 -11.13 -18.70 16.53
CA TRP B 179 -11.21 -19.10 17.92
C TRP B 179 -11.92 -20.45 18.06
N THR B 180 -13.02 -20.61 17.35
CA THR B 180 -13.74 -21.88 17.38
C THR B 180 -12.86 -23.03 16.95
N SER B 181 -12.17 -22.88 15.83
CA SER B 181 -11.28 -23.91 15.32
C SER B 181 -10.18 -24.25 16.32
N PHE B 183 -10.03 -23.92 19.62
CA PHE B 183 -10.45 -24.61 20.83
C PHE B 183 -11.10 -25.96 20.57
N LYS B 184 -11.68 -26.16 19.39
CA LYS B 184 -12.03 -27.51 18.98
C LYS B 184 -10.81 -28.38 18.79
N ALA B 185 -9.73 -27.79 18.29
CA ALA B 185 -8.49 -28.55 18.11
C ALA B 185 -7.89 -29.02 19.44
N PHE B 186 -8.14 -28.24 20.49
CA PHE B 186 -7.72 -28.61 21.85
C PHE B 186 -8.71 -29.58 22.51
N ASP B 187 -9.75 -29.98 21.77
CA ASP B 187 -10.81 -30.88 22.25
C ASP B 187 -11.68 -30.25 23.35
N ALA B 188 -11.69 -28.91 23.40
CA ALA B 188 -12.61 -28.21 24.27
C ALA B 188 -13.97 -28.07 23.58
N SER B 189 -14.92 -27.52 24.31
CA SER B 189 -16.27 -27.28 23.83
C SER B 189 -16.50 -25.77 23.85
N PRO B 190 -16.08 -25.06 22.81
CA PRO B 190 -16.22 -23.61 22.82
C PRO B 190 -17.64 -23.12 22.66
N ALA B 191 -17.96 -22.03 23.33
CA ALA B 191 -19.24 -21.34 23.18
C ALA B 191 -18.94 -19.93 22.75
N SER B 192 -19.55 -19.49 21.66
CA SER B 192 -19.29 -18.18 21.07
C SER B 192 -20.19 -17.14 21.70
N ILE B 193 -19.60 -16.24 22.47
CA ILE B 193 -20.34 -15.28 23.30
C ILE B 193 -19.65 -13.92 23.23
N ASN B 194 -20.41 -12.87 22.95
CA ASN B 194 -19.84 -11.53 22.93
C ASN B 194 -19.29 -11.13 24.30
N PHE B 195 -18.26 -10.29 24.30
CA PHE B 195 -17.63 -9.89 25.54
C PHE B 195 -18.61 -9.30 26.54
N SER B 196 -19.65 -8.61 26.05
CA SER B 196 -20.67 -8.04 26.92
C SER B 196 -21.29 -9.01 27.89
N GLU B 197 -21.40 -10.29 27.50
CA GLU B 197 -22.03 -11.30 28.36
C GLU B 197 -21.06 -12.17 29.15
N VAL B 198 -19.76 -11.92 29.02
CA VAL B 198 -18.77 -12.81 29.61
C VAL B 198 -18.80 -12.87 31.13
N TYR B 199 -18.79 -11.72 31.80
CA TYR B 199 -18.78 -11.73 33.26
C TYR B 199 -19.92 -12.58 33.83
N SER B 200 -21.13 -12.32 33.35
N SER B 200 -21.13 -12.32 33.34
CA SER B 200 -22.30 -13.04 33.81
CA SER B 200 -22.31 -13.03 33.79
C SER B 200 -22.27 -14.52 33.43
C SER B 200 -22.27 -14.50 33.43
N ALA B 201 -21.85 -14.81 32.21
CA ALA B 201 -21.74 -16.21 31.77
C ALA B 201 -20.73 -17.00 32.62
N LEU B 202 -19.63 -16.36 33.03
CA LEU B 202 -18.69 -17.00 33.93
C LEU B 202 -19.27 -17.16 35.34
N GLN B 203 -19.92 -16.11 35.82
CA GLN B 203 -20.43 -16.09 37.19
C GLN B 203 -21.49 -17.17 37.42
N THR B 204 -22.35 -17.37 36.42
CA THR B 204 -23.41 -18.35 36.47
C THR B 204 -23.01 -19.74 36.00
N LYS B 205 -21.77 -19.88 35.53
CA LYS B 205 -21.25 -21.14 35.04
C LYS B 205 -21.96 -21.65 33.77
N VAL B 206 -22.50 -20.75 32.96
CA VAL B 206 -22.93 -21.11 31.62
C VAL B 206 -21.71 -21.63 30.87
N VAL B 207 -20.56 -21.01 31.14
CA VAL B 207 -19.27 -21.53 30.68
C VAL B 207 -18.36 -21.71 31.91
N GLU B 208 -17.36 -22.57 31.75
CA GLU B 208 -16.39 -22.90 32.80
C GLU B 208 -15.15 -22.03 32.76
N GLY B 209 -14.95 -21.29 31.68
CA GLY B 209 -13.74 -20.50 31.55
C GLY B 209 -13.79 -19.62 30.33
N GLN B 210 -12.71 -18.89 30.13
CA GLN B 210 -12.55 -18.00 28.99
C GLN B 210 -11.06 -17.76 28.78
N GLU B 211 -10.72 -16.93 27.84
CA GLU B 211 -9.32 -16.62 27.57
C GLU B 211 -9.20 -15.16 27.13
N ASN B 212 -8.13 -14.50 27.57
CA ASN B 212 -7.97 -13.05 27.37
C ASN B 212 -6.64 -12.64 27.94
N PRO B 213 -6.12 -11.49 27.52
CA PRO B 213 -4.92 -10.95 28.18
C PRO B 213 -5.17 -10.56 29.63
N LEU B 214 -4.09 -10.46 30.39
CA LEU B 214 -4.22 -10.10 31.80
C LEU B 214 -4.91 -8.75 31.98
N ALA B 215 -4.66 -7.80 31.07
CA ALA B 215 -5.25 -6.48 31.21
C ALA B 215 -6.77 -6.53 31.13
N ILE B 216 -7.32 -7.48 30.37
CA ILE B 216 -8.78 -7.64 30.28
C ILE B 216 -9.31 -8.33 31.53
N ILE B 217 -8.62 -9.40 31.94
CA ILE B 217 -8.98 -10.10 33.15
C ILE B 217 -9.06 -9.13 34.32
N SER B 218 -8.09 -8.20 34.39
CA SER B 218 -8.08 -7.20 35.43
C SER B 218 -9.18 -6.12 35.28
N THR B 219 -9.21 -5.45 34.15
CA THR B 219 -10.07 -4.28 34.04
C THR B 219 -11.55 -4.68 34.00
N ALA B 220 -11.88 -5.86 33.47
CA ALA B 220 -13.25 -6.36 33.45
C ALA B 220 -13.60 -7.16 34.72
N LYS B 221 -12.62 -7.26 35.64
CA LYS B 221 -12.83 -7.89 36.95
C LYS B 221 -13.21 -9.35 36.84
N LEU B 222 -12.66 -10.02 35.83
CA LEU B 222 -12.99 -11.43 35.64
C LEU B 222 -12.42 -12.32 36.74
N TYR B 223 -11.42 -11.83 37.47
CA TYR B 223 -10.94 -12.54 38.65
C TYR B 223 -12.00 -12.71 39.73
N GLU B 224 -13.04 -11.90 39.71
CA GLU B 224 -14.09 -12.01 40.71
C GLU B 224 -14.95 -13.25 40.50
N VAL B 225 -14.88 -13.81 39.29
CA VAL B 225 -15.79 -14.89 38.89
C VAL B 225 -15.04 -16.06 38.27
N GLN B 226 -13.76 -16.13 38.55
CA GLN B 226 -12.90 -17.24 38.14
C GLN B 226 -11.95 -17.57 39.30
N LYS B 227 -11.41 -18.79 39.27
CA LYS B 227 -10.53 -19.28 40.32
C LYS B 227 -9.07 -19.42 39.89
N TYR B 228 -8.86 -19.85 38.65
CA TYR B 228 -7.52 -20.15 38.13
C TYR B 228 -7.21 -19.33 36.89
N CYS B 229 -5.96 -18.92 36.77
CA CYS B 229 -5.44 -18.38 35.53
C CYS B 229 -4.22 -19.21 35.12
N SER B 230 -4.25 -19.74 33.91
CA SER B 230 -3.20 -20.58 33.36
C SER B 230 -2.57 -19.84 32.20
N LEU B 231 -1.27 -19.63 32.25
CA LEU B 231 -0.56 -18.80 31.30
C LEU B 231 -0.25 -19.55 30.01
N THR B 232 -1.32 -19.94 29.32
CA THR B 232 -1.22 -20.71 28.09
C THR B 232 -0.65 -19.89 26.93
N ASN B 233 -0.76 -18.57 27.01
CA ASN B 233 -0.10 -17.69 26.05
C ASN B 233 -0.30 -18.09 24.61
N HIS B 234 -1.55 -18.38 24.27
CA HIS B 234 -1.80 -19.20 23.07
C HIS B 234 -1.93 -18.42 21.77
N TRP B 236 -1.54 -14.01 20.11
CA TRP B 236 -1.58 -12.54 20.25
C TRP B 236 -2.72 -12.00 19.42
N ASP B 237 -3.45 -11.02 19.95
CA ASP B 237 -4.46 -10.32 19.16
C ASP B 237 -4.55 -8.88 19.59
N GLY B 238 -5.05 -8.05 18.68
CA GLY B 238 -5.24 -6.63 18.93
C GLY B 238 -6.59 -6.14 18.48
N PHE B 239 -6.70 -4.85 18.19
CA PHE B 239 -7.95 -4.25 17.73
C PHE B 239 -7.65 -3.34 16.55
N TRP B 240 -8.21 -3.63 15.38
CA TRP B 240 -8.19 -2.67 14.28
C TRP B 240 -9.09 -1.48 14.60
N PHE B 241 -8.64 -0.29 14.25
CA PHE B 241 -9.44 0.91 14.47
C PHE B 241 -10.16 1.20 13.16
N LEU B 242 -11.42 0.78 13.11
CA LEU B 242 -12.23 0.87 11.90
C LEU B 242 -13.02 2.16 11.83
N ALA B 243 -13.23 2.62 10.61
CA ALA B 243 -14.11 3.74 10.35
C ALA B 243 -15.06 3.38 9.23
N ASN B 244 -16.31 3.81 9.39
CA ASN B 244 -17.27 3.74 8.31
C ASN B 244 -16.81 4.64 7.16
N ARG B 245 -16.72 4.08 5.97
CA ARG B 245 -16.11 4.82 4.88
C ARG B 245 -16.86 6.05 4.46
N ARG B 246 -18.19 5.94 4.38
CA ARG B 246 -18.98 7.11 4.00
C ARG B 246 -18.79 8.26 4.99
N ALA B 247 -18.85 7.95 6.28
CA ALA B 247 -18.66 8.99 7.28
C ALA B 247 -17.24 9.54 7.23
N TRP B 248 -16.27 8.67 7.04
CA TRP B 248 -14.88 9.11 6.96
C TRP B 248 -14.70 10.12 5.85
N GLU B 249 -15.24 9.79 4.68
CA GLU B 249 -15.03 10.62 3.50
C GLU B 249 -15.83 11.91 3.52
N ARG B 250 -16.81 11.99 4.40
CA ARG B 250 -17.58 13.22 4.58
C ARG B 250 -16.76 14.26 5.34
N LEU B 251 -15.75 13.81 6.07
CA LEU B 251 -14.84 14.76 6.71
C LEU B 251 -13.97 15.42 5.64
N PRO B 252 -13.84 16.74 5.72
CA PRO B 252 -12.89 17.45 4.84
C PRO B 252 -11.50 16.84 4.96
N ALA B 253 -10.77 16.82 3.85
CA ALA B 253 -9.47 16.15 3.81
C ALA B 253 -8.51 16.58 4.93
N ASP B 254 -8.46 17.88 5.22
CA ASP B 254 -7.51 18.34 6.21
C ASP B 254 -7.89 17.83 7.61
N LEU B 255 -9.19 17.77 7.89
CA LEU B 255 -9.65 17.20 9.16
C LEU B 255 -9.42 15.70 9.25
N ARG B 256 -9.62 14.98 8.15
CA ARG B 256 -9.34 13.55 8.13
C ARG B 256 -7.88 13.30 8.49
N ASP B 257 -6.97 14.11 7.94
CA ASP B 257 -5.56 13.91 8.20
C ASP B 257 -5.24 14.11 9.68
N ILE B 258 -5.81 15.15 10.28
CA ILE B 258 -5.65 15.40 11.72
C ILE B 258 -6.22 14.27 12.56
N VAL B 259 -7.42 13.82 12.21
CA VAL B 259 -8.05 12.74 12.94
C VAL B 259 -7.21 11.46 12.86
N ALA B 260 -6.79 11.07 11.65
CA ALA B 260 -6.02 9.83 11.50
C ALA B 260 -4.72 9.91 12.29
N ARG B 261 -4.01 11.01 12.17
CA ARG B 261 -2.72 11.13 12.84
C ARG B 261 -2.93 11.00 14.35
N ASN B 262 -4.00 11.59 14.88
CA ASN B 262 -4.26 11.52 16.30
C ASN B 262 -4.70 10.15 16.81
N ILE B 263 -5.45 9.42 15.98
CA ILE B 263 -5.86 8.07 16.35
C ILE B 263 -4.64 7.17 16.40
N ASN B 264 -3.78 7.26 15.40
CA ASN B 264 -2.58 6.45 15.36
C ASN B 264 -1.65 6.78 16.52
N ALA B 265 -1.50 8.06 16.84
CA ALA B 265 -0.62 8.48 17.94
C ALA B 265 -1.14 7.95 19.27
N ALA B 266 -2.46 8.01 19.47
CA ALA B 266 -3.06 7.47 20.66
C ALA B 266 -2.88 5.96 20.72
N GLY B 267 -2.98 5.28 19.59
CA GLY B 267 -2.76 3.85 19.54
C GLY B 267 -1.34 3.47 19.94
N VAL B 268 -0.36 4.23 19.49
CA VAL B 268 1.02 3.97 19.89
C VAL B 268 1.18 4.07 21.42
N ASN B 269 0.59 5.09 22.03
CA ASN B 269 0.66 5.22 23.48
C ASN B 269 -0.09 4.09 24.16
N GLN B 270 -1.24 3.71 23.61
CA GLN B 270 -2.03 2.62 24.15
C GLN B 270 -1.22 1.34 24.16
N ARG B 271 -0.46 1.09 23.11
CA ARG B 271 0.33 -0.14 23.05
C ARG B 271 1.29 -0.21 24.23
N ALA B 272 1.92 0.91 24.50
CA ALA B 272 2.90 0.97 25.60
C ALA B 272 2.22 0.67 26.93
N ASP B 273 1.03 1.24 27.13
CA ASP B 273 0.31 1.04 28.40
C ASP B 273 -0.02 -0.42 28.55
N VAL B 274 -0.55 -1.02 27.48
CA VAL B 274 -1.04 -2.40 27.55
C VAL B 274 0.11 -3.39 27.77
N ALA B 275 1.24 -3.17 27.11
CA ALA B 275 2.41 -4.03 27.33
C ALA B 275 2.82 -3.99 28.80
N LYS B 276 2.86 -2.81 29.39
CA LYS B 276 3.23 -2.66 30.80
C LYS B 276 2.26 -3.43 31.70
N LEU B 277 0.97 -3.29 31.46
CA LEU B 277 -0.02 -4.02 32.24
C LEU B 277 0.14 -5.53 32.10
N ASN B 278 0.24 -6.03 30.88
CA ASN B 278 0.29 -7.48 30.71
C ASN B 278 1.58 -8.08 31.27
N ALA B 279 2.64 -7.29 31.33
CA ALA B 279 3.92 -7.76 31.85
C ALA B 279 3.92 -7.76 33.36
N GLY B 280 3.11 -6.89 33.98
CA GLY B 280 3.19 -6.71 35.42
C GLY B 280 2.01 -7.14 36.27
N LEU B 281 0.90 -7.52 35.66
CA LEU B 281 -0.35 -7.72 36.41
C LEU B 281 -0.44 -8.99 37.25
N LYS B 282 0.39 -9.99 37.00
CA LYS B 282 0.22 -11.27 37.66
C LYS B 282 0.21 -11.14 39.17
N ASP B 283 1.17 -10.41 39.72
CA ASP B 283 1.24 -10.33 41.18
C ASP B 283 0.00 -9.69 41.80
N GLU B 284 -0.49 -8.63 41.19
CA GLU B 284 -1.67 -7.94 41.68
C GLU B 284 -2.89 -8.86 41.58
N LEU B 285 -3.04 -9.54 40.45
CA LEU B 285 -4.16 -10.46 40.26
C LEU B 285 -4.09 -11.62 41.23
N ALA B 286 -2.89 -12.12 41.52
CA ALA B 286 -2.70 -13.20 42.48
C ALA B 286 -3.06 -12.74 43.88
N THR B 287 -2.77 -11.48 44.20
CA THR B 287 -3.07 -10.93 45.52
C THR B 287 -4.59 -10.78 45.68
N LYS B 288 -5.29 -10.59 44.56
CA LYS B 288 -6.74 -10.51 44.59
C LYS B 288 -7.37 -11.90 44.60
N GLY B 289 -6.52 -12.93 44.67
CA GLY B 289 -6.98 -14.29 44.89
C GLY B 289 -6.99 -15.24 43.70
N LEU B 290 -6.69 -14.75 42.50
CA LEU B 290 -6.61 -15.60 41.32
C LEU B 290 -5.38 -16.49 41.47
N THR B 291 -5.52 -17.78 41.26
CA THR B 291 -4.40 -18.71 41.43
C THR B 291 -3.76 -18.99 40.07
N PHE B 292 -2.47 -18.68 39.93
CA PHE B 292 -1.79 -18.79 38.64
C PHE B 292 -0.96 -20.06 38.51
N ASN B 293 -0.84 -20.56 37.27
CA ASN B 293 0.17 -21.55 36.94
C ASN B 293 0.71 -21.27 35.54
N GLN B 294 1.97 -21.63 35.32
CA GLN B 294 2.62 -21.53 34.02
C GLN B 294 2.78 -22.92 33.46
N PRO B 295 1.88 -23.31 32.55
CA PRO B 295 2.08 -24.63 31.97
C PRO B 295 3.24 -24.61 30.97
N THR B 296 3.81 -25.78 30.75
CA THR B 296 4.81 -25.96 29.69
C THR B 296 4.09 -25.84 28.35
N ILE B 297 4.58 -24.98 27.49
CA ILE B 297 3.81 -24.58 26.31
C ILE B 297 3.91 -25.58 25.16
N GLY B 298 5.07 -26.21 24.99
CA GLY B 298 5.31 -27.05 23.82
C GLY B 298 4.20 -28.04 23.52
N PRO B 299 3.71 -28.78 24.54
CA PRO B 299 2.67 -29.78 24.27
C PRO B 299 1.38 -29.18 23.70
N PHE B 300 1.08 -27.92 23.97
CA PHE B 300 -0.11 -27.29 23.37
C PHE B 300 0.09 -27.05 21.87
N ARG B 301 1.25 -26.55 21.51
CA ARG B 301 1.57 -26.38 20.09
C ARG B 301 1.57 -27.73 19.38
N ASP B 302 2.12 -28.76 20.02
CA ASP B 302 2.08 -30.11 19.46
C ASP B 302 0.65 -30.56 19.21
N LYS B 303 -0.24 -30.27 20.15
CA LYS B 303 -1.62 -30.70 20.06
C LYS B 303 -2.31 -30.03 18.87
N LEU B 304 -2.11 -28.72 18.70
CA LEU B 304 -2.68 -28.02 17.55
C LEU B 304 -2.15 -28.62 16.24
N ARG B 305 -0.87 -28.95 16.22
CA ARG B 305 -0.29 -29.55 15.02
C ARG B 305 -0.93 -30.91 14.74
N ALA B 306 -1.03 -31.74 15.77
CA ALA B 306 -1.54 -33.10 15.58
C ALA B 306 -3.01 -33.12 15.19
N ALA B 307 -3.74 -32.11 15.63
CA ALA B 307 -5.15 -31.94 15.29
C ALA B 307 -5.36 -31.42 13.86
N GLY B 308 -4.28 -31.03 13.18
CA GLY B 308 -4.38 -30.52 11.84
C GLY B 308 -4.64 -29.02 11.74
N PHE B 309 -4.53 -28.31 12.85
CA PHE B 309 -4.91 -26.90 12.90
C PHE B 309 -4.05 -26.04 11.96
N TYR B 310 -2.74 -26.25 11.96
CA TYR B 310 -1.89 -25.42 11.11
C TYR B 310 -2.11 -25.74 9.65
N ALA B 311 -2.36 -27.00 9.35
CA ALA B 311 -2.65 -27.41 7.97
C ALA B 311 -3.97 -26.79 7.49
N GLU B 312 -4.96 -26.77 8.37
CA GLU B 312 -6.26 -26.22 8.05
C GLU B 312 -6.12 -24.75 7.63
N TRP B 313 -5.43 -23.98 8.45
CA TRP B 313 -5.38 -22.54 8.22
C TRP B 313 -4.43 -22.16 7.10
N LYS B 314 -3.39 -22.94 6.87
CA LYS B 314 -2.56 -22.72 5.68
C LYS B 314 -3.43 -22.86 4.42
N GLY B 315 -4.30 -23.86 4.40
CA GLY B 315 -5.21 -24.04 3.30
C GLY B 315 -6.19 -22.89 3.15
N LYS B 316 -6.73 -22.44 4.27
CA LYS B 316 -7.73 -21.39 4.24
C LYS B 316 -7.17 -20.03 3.80
N TYR B 317 -5.99 -19.67 4.30
CA TYR B 317 -5.43 -18.37 3.95
C TYR B 317 -4.74 -18.39 2.59
N GLY B 318 -4.28 -19.57 2.20
CA GLY B 318 -3.57 -19.71 0.94
C GLY B 318 -2.06 -19.59 1.10
N GLU B 319 -1.31 -20.14 0.14
CA GLU B 319 0.15 -20.23 0.26
C GLU B 319 0.80 -18.86 0.42
N GLN B 320 0.34 -17.88 -0.34
CA GLN B 320 0.99 -16.56 -0.31
C GLN B 320 0.86 -15.89 1.06
N ALA B 321 -0.35 -15.85 1.58
CA ALA B 321 -0.61 -15.29 2.89
C ALA B 321 0.11 -16.09 4.00
N TRP B 322 0.09 -17.40 3.90
CA TRP B 322 0.76 -18.22 4.91
C TRP B 322 2.26 -17.97 4.90
N SER B 323 2.84 -17.92 3.70
CA SER B 323 4.26 -17.62 3.60
C SER B 323 4.60 -16.26 4.21
N LEU B 324 3.70 -15.30 4.06
CA LEU B 324 3.92 -13.98 4.63
C LEU B 324 3.90 -14.05 6.15
N LEU B 325 2.94 -14.79 6.71
CA LEU B 325 2.92 -15.01 8.15
C LEU B 325 4.22 -15.68 8.64
N GLU B 326 4.64 -16.71 7.94
CA GLU B 326 5.88 -17.42 8.29
C GLU B 326 7.08 -16.49 8.25
N LYS B 327 7.18 -15.67 7.22
CA LYS B 327 8.28 -14.72 7.11
C LYS B 327 8.27 -13.79 8.32
N SER B 328 7.07 -13.37 8.71
CA SER B 328 6.91 -12.39 9.79
C SER B 328 7.34 -12.95 11.15
N VAL B 329 7.03 -14.21 11.43
CA VAL B 329 7.29 -14.71 12.78
C VAL B 329 8.71 -15.24 12.95
N GLY B 330 9.46 -15.39 11.85
CA GLY B 330 10.82 -15.91 11.92
C GLY B 330 11.93 -14.93 12.30
N LYS B 331 11.57 -13.68 12.51
CA LYS B 331 12.57 -12.67 12.81
C LYS B 331 13.17 -12.91 14.19
N LEU B 332 14.48 -12.68 14.30
CA LEU B 332 15.21 -12.88 15.52
C LEU B 332 15.98 -11.62 15.86
N ALA B 333 15.41 -10.83 16.74
CA ALA B 333 16.04 -9.59 17.18
C ALA B 333 15.49 -9.19 18.55
#